data_9PGP
#
_entry.id   9PGP
#
_cell.length_a   68.616
_cell.length_b   68.633
_cell.length_c   68.666
_cell.angle_alpha   100.660
_cell.angle_beta   103.130
_cell.angle_gamma   101.970
#
_symmetry.space_group_name_H-M   'P 1'
#
loop_
_entity.id
_entity.type
_entity.pdbx_description
1 polymer "DNA (5'-D(*GP*AP*GP*CP*GP*AP*CP*CP*TP*GP*TP*AP*CP*GP*GP*AP*CP*AP*TP*CP*A)-3')"
2 polymer "DNA (5'-D(*TP*GP*CP*GP*TP*AP*GP*TP*GP*GP*TP*CP*GP*C)-3')"
3 polymer "DNA (5'-D(*TP*CP*TP*GP*AP*TP*GP*TP*GP*GP*TP*AP*GP*G)-3')"
4 polymer "DNA (5'-D(*AP*AP*CP*CP*TP*AP*CP*CP*TP*GP*GP*CP*AP*GP*GP*AP*CP*GP*AP*CP*T)-3')"
5 polymer "DNA (5'-D(*TP*TP*AP*GP*TP*CP*GP*TP*GP*GP*TP*AP*TP*C)-3')"
6 polymer "DNA (5'-D(*CP*AP*GP*AP*TP*AP*CP*CP*TP*GP*AP*TP*CP*GP*GP*AP*CP*TP*AP*CP*G)-3')"
7 polymer "DNA (5'-D(P*AP*CP*AP*CP*CP*GP*AP*TP*CP*AP*CP*CP*TP*GP*CP*CP*AP*CP*CP*GP*T)-3')"
#
loop_
_entity_poly.entity_id
_entity_poly.type
_entity_poly.pdbx_seq_one_letter_code
_entity_poly.pdbx_strand_id
1 'polydeoxyribonucleotide'
;(DG)(DA)(DG)(DC)(DG)(DA)(DC)(DC)(DT)(DG)(DT)(DA)(DC)(DG)(DG)(DA)(DC)(DA)(DT)(DC)
(DA)
;
A
2 'polydeoxyribonucleotide' (DT)(DG)(DT)(DC)(DT)(DT)(DG)(DT)(DG)(DG)(DT)(DC)(DG)(DC) E
3 'polydeoxyribonucleotide' (DT)(DC)(DT)(DG)(DA)(DT)(DG)(DT)(DG)(DG)(DT)(DA)(DG)(DG) D
4 'polydeoxyribonucleotide'
;(DA)(DA)(DC)(DC)(DT)(DA)(DC)(DC)(DT)(DG)(DG)(DC)(DA)(DG)(DG)(DA)(DC)(DG)(DA)(DC)
(DT)
;
B
5 'polydeoxyribonucleotide' (DT)(DT)(DA)(DG)(DT)(DC)(DG)(DT)(DG)(DG)(DC)(DT)(DC)(DG) F
6 'polydeoxyribonucleotide'
;(DC)(DA)(DC)(DG)(DA)(DG)(DC)(DC)(DT)(DG)(DA)(DT)(DC)(DG)(DG)(DA)(DC)(DA)(DA)(DG)
(DA)
;
C
7 'polydeoxyribonucleotide' (DA)(DC)(DA)(DC)(DC)(DG)(DA)(DT)(DC)(DA)(DC)(DC)(DT)(DG)(DC)(DC)(DA)(DC)(DC)(DG) M
#
loop_
_chem_comp.id
_chem_comp.type
_chem_comp.name
_chem_comp.formula
DA DNA linking 2'-DEOXYADENOSINE-5'-MONOPHOSPHATE 'C10 H14 N5 O6 P'
DC DNA linking 2'-DEOXYCYTIDINE-5'-MONOPHOSPHATE 'C9 H14 N3 O7 P'
DG DNA linking 2'-DEOXYGUANOSINE-5'-MONOPHOSPHATE 'C10 H14 N5 O7 P'
DT DNA linking THYMIDINE-5'-MONOPHOSPHATE 'C10 H15 N2 O8 P'
#